data_9DHG
#
_entry.id   9DHG
#
_cell.length_a   90.815
_cell.length_b   90.815
_cell.length_c   122.859
_cell.angle_alpha   90.00
_cell.angle_beta   90.00
_cell.angle_gamma   120.00
#
_symmetry.space_group_name_H-M   'P 32 2 1'
#
loop_
_entity.id
_entity.type
_entity.pdbx_description
1 polymer 'Dihydroorotate dehydrogenase (quinone), mitochondrial'
2 non-polymer 'FLAVIN MONONUCLEOTIDE'
3 non-polymer 'OROTIC ACID'
4 non-polymer (3P,7P)-7-[4-ethyl-3-(hydroxymethyl)-5-oxo-4,5-dihydro-1H-1,2,4-triazol-1-yl]-6-fluoro-3-(2-methylphenyl)-1-(propan-2-yl)quinolin-4(1H)-one
5 non-polymer 'SULFATE ION'
6 non-polymer 'ACETATE ION'
7 non-polymer 'CHLORIDE ION'
8 non-polymer 1,2-ETHANEDIOL
9 non-polymer GLYCEROL
10 non-polymer 'TRIETHYLENE GLYCOL'
11 water water
#
_entity_poly.entity_id   1
_entity_poly.type   'polypeptide(L)'
_entity_poly.pdbx_seq_one_letter_code
;GAMATGDERFYAEHLMPTLQGLLDPESAHRLAVRFTSLGLLPRARFQDSDMLEVRVLGHKFRNPVGIAAGFDKHGEAVDG
LYKMGFGFVEIGSVTPKPQEGNPRPRVFRLPEDQAVINRYGFNSHGLSVVEHRLRARQQKQAKLTEDGLPLGVNLGKNKT
SVDAAEDYAEGVRVLGPLADYLVVNVSSPNTAGLRSLQGKAELRRLLTKVLQERDGLRRVHRPAVLVKIAPDLTSQDKED
IASVVKELGIDGLIVTNTTVSRPAGLQGALRSETGGLSGKPLRDLSTQTIREMYALTQGRVPIIGVGGVSSGQDALEKIR
AGASLVQLYTALTFWGPPVVGKVKRELEALLKEQGFGGVTDAIGADHRR
;
_entity_poly.pdbx_strand_id   A
#
# COMPACT_ATOMS: atom_id res chain seq x y z
N ALA A 4 -15.86 8.98 -18.91
CA ALA A 4 -15.65 7.51 -18.66
C ALA A 4 -15.43 6.76 -19.97
N THR A 5 -14.44 5.89 -20.01
CA THR A 5 -14.06 5.09 -21.18
C THR A 5 -15.06 3.93 -21.28
N GLY A 6 -15.07 3.29 -22.43
CA GLY A 6 -15.88 2.09 -22.70
C GLY A 6 -15.45 1.00 -21.74
N ASP A 7 -14.12 0.84 -21.61
CA ASP A 7 -13.49 -0.20 -20.76
C ASP A 7 -13.93 0.01 -19.31
N GLU A 8 -13.93 1.25 -18.77
CA GLU A 8 -14.22 1.45 -17.32
C GLU A 8 -15.63 0.92 -17.04
N ARG A 9 -16.60 1.29 -17.89
CA ARG A 9 -18.01 0.92 -17.69
C ARG A 9 -18.17 -0.60 -17.85
N PHE A 10 -17.54 -1.19 -18.86
CA PHE A 10 -17.70 -2.63 -19.18
C PHE A 10 -17.11 -3.45 -18.04
N TYR A 11 -15.94 -3.04 -17.54
CA TYR A 11 -15.28 -3.77 -16.43
C TYR A 11 -16.12 -3.67 -15.16
N ALA A 12 -16.57 -2.45 -14.80
CA ALA A 12 -17.23 -2.23 -13.51
C ALA A 12 -18.64 -2.82 -13.52
N GLU A 13 -19.36 -2.71 -14.64
CA GLU A 13 -20.81 -3.03 -14.71
C GLU A 13 -21.01 -4.51 -15.08
N HIS A 14 -20.07 -5.13 -15.81
CA HIS A 14 -20.28 -6.47 -16.44
C HIS A 14 -19.15 -7.45 -16.13
N LEU A 15 -17.91 -7.16 -16.53
CA LEU A 15 -16.85 -8.20 -16.48
C LEU A 15 -16.51 -8.54 -15.03
N MET A 16 -16.20 -7.55 -14.20
CA MET A 16 -15.74 -7.85 -12.83
C MET A 16 -16.87 -8.51 -12.03
N PRO A 17 -18.12 -8.02 -12.00
CA PRO A 17 -19.15 -8.72 -11.24
C PRO A 17 -19.37 -10.17 -11.73
N THR A 18 -19.24 -10.39 -13.04
CA THR A 18 -19.43 -11.74 -13.64
C THR A 18 -18.29 -12.66 -13.14
N LEU A 19 -17.04 -12.22 -13.26
CA LEU A 19 -15.88 -13.04 -12.82
C LEU A 19 -15.92 -13.27 -11.31
N GLN A 20 -16.19 -12.24 -10.52
CA GLN A 20 -16.24 -12.37 -9.05
C GLN A 20 -17.38 -13.34 -8.66
N GLY A 21 -18.47 -13.37 -9.44
CA GLY A 21 -19.60 -14.29 -9.20
C GLY A 21 -19.26 -15.74 -9.48
N LEU A 22 -18.23 -16.01 -10.32
CA LEU A 22 -17.82 -17.39 -10.73
C LEU A 22 -16.69 -17.92 -9.82
N LEU A 23 -16.01 -17.06 -9.07
CA LEU A 23 -14.77 -17.42 -8.38
C LEU A 23 -14.91 -17.17 -6.87
N ASP A 24 -14.30 -18.04 -6.11
CA ASP A 24 -14.03 -17.78 -4.68
C ASP A 24 -13.06 -16.62 -4.58
N PRO A 25 -13.11 -15.81 -3.50
CA PRO A 25 -12.33 -14.57 -3.47
C PRO A 25 -10.81 -14.78 -3.55
N GLU A 26 -10.29 -15.79 -2.87
CA GLU A 26 -8.83 -16.05 -2.95
C GLU A 26 -8.46 -16.59 -4.35
N SER A 27 -9.32 -17.41 -4.97
N SER A 27 -9.31 -17.43 -4.94
CA SER A 27 -9.09 -17.85 -6.37
CA SER A 27 -9.15 -17.87 -6.34
C SER A 27 -9.07 -16.62 -7.31
C SER A 27 -9.07 -16.65 -7.27
N ALA A 28 -9.96 -15.66 -7.09
CA ALA A 28 -9.99 -14.43 -7.89
C ALA A 28 -8.64 -13.68 -7.71
N HIS A 29 -8.16 -13.56 -6.48
CA HIS A 29 -6.85 -12.91 -6.19
C HIS A 29 -5.74 -13.63 -6.99
N ARG A 30 -5.67 -14.94 -6.86
CA ARG A 30 -4.60 -15.74 -7.49
C ARG A 30 -4.66 -15.58 -9.02
N LEU A 31 -5.85 -15.63 -9.61
N LEU A 31 -5.86 -15.62 -9.61
CA LEU A 31 -6.01 -15.49 -11.08
CA LEU A 31 -6.00 -15.51 -11.08
C LEU A 31 -5.57 -14.09 -11.51
C LEU A 31 -5.61 -14.09 -11.53
N ALA A 32 -5.90 -13.07 -10.72
CA ALA A 32 -5.53 -11.69 -11.03
C ALA A 32 -4.01 -11.57 -11.06
N VAL A 33 -3.32 -12.14 -10.10
CA VAL A 33 -1.84 -12.08 -10.08
C VAL A 33 -1.32 -12.77 -11.36
N ARG A 34 -1.92 -13.88 -11.78
N ARG A 34 -1.87 -13.94 -11.70
CA ARG A 34 -1.47 -14.60 -13.00
CA ARG A 34 -1.42 -14.72 -12.87
C ARG A 34 -1.77 -13.74 -14.24
C ARG A 34 -1.57 -13.86 -14.13
N PHE A 35 -2.99 -13.24 -14.40
N PHE A 35 -2.73 -13.24 -14.32
CA PHE A 35 -3.30 -12.35 -15.54
CA PHE A 35 -3.05 -12.48 -15.57
C PHE A 35 -2.20 -11.27 -15.57
C PHE A 35 -2.23 -11.19 -15.61
N THR A 36 -1.99 -10.60 -14.44
CA THR A 36 -1.16 -9.38 -14.40
C THR A 36 0.28 -9.74 -14.78
N SER A 37 0.77 -10.85 -14.24
CA SER A 37 2.17 -11.30 -14.46
C SER A 37 2.37 -11.62 -15.95
N LEU A 38 1.32 -12.02 -16.66
CA LEU A 38 1.39 -12.34 -18.12
C LEU A 38 1.11 -11.11 -18.99
N GLY A 39 0.75 -9.97 -18.40
CA GLY A 39 0.40 -8.73 -19.12
C GLY A 39 -0.92 -8.83 -19.86
N LEU A 40 -1.82 -9.72 -19.43
CA LEU A 40 -3.16 -9.90 -20.04
C LEU A 40 -4.08 -8.83 -19.43
N LEU A 41 -3.97 -7.62 -19.96
CA LEU A 41 -4.51 -6.38 -19.35
C LEU A 41 -5.16 -5.53 -20.43
N PRO A 42 -6.26 -4.80 -20.12
CA PRO A 42 -6.83 -3.80 -21.03
C PRO A 42 -5.78 -2.71 -21.24
N ARG A 43 -5.83 -2.02 -22.37
CA ARG A 43 -4.92 -0.87 -22.66
C ARG A 43 -5.09 0.18 -21.57
N ALA A 44 -3.97 0.67 -21.02
CA ALA A 44 -3.91 1.84 -20.13
C ALA A 44 -3.79 3.07 -21.03
N ARG A 45 -4.93 3.65 -21.40
CA ARG A 45 -5.05 4.68 -22.47
C ARG A 45 -4.52 6.02 -21.97
N PHE A 46 -4.47 6.20 -20.66
CA PHE A 46 -4.14 7.48 -19.99
C PHE A 46 -2.64 7.78 -20.09
N GLN A 47 -2.30 8.99 -20.53
CA GLN A 47 -0.87 9.44 -20.67
C GLN A 47 -0.58 10.33 -19.47
N ASP A 48 0.38 9.93 -18.64
CA ASP A 48 0.71 10.71 -17.41
C ASP A 48 1.20 12.08 -17.88
N SER A 49 0.65 13.13 -17.32
CA SER A 49 1.05 14.54 -17.53
C SER A 49 2.07 14.95 -16.48
N ASP A 50 2.77 16.03 -16.77
CA ASP A 50 3.72 16.67 -15.84
C ASP A 50 3.04 17.02 -14.51
N MET A 51 1.73 17.34 -14.56
N MET A 51 1.74 17.33 -14.49
CA MET A 51 0.91 17.77 -13.38
CA MET A 51 1.11 17.83 -13.24
C MET A 51 0.96 16.68 -12.31
C MET A 51 0.82 16.66 -12.30
N LEU A 52 1.05 15.42 -12.72
CA LEU A 52 0.94 14.27 -11.79
C LEU A 52 2.30 13.83 -11.23
N GLU A 53 3.43 14.37 -11.70
CA GLU A 53 4.78 13.99 -11.21
C GLU A 53 4.95 14.50 -9.78
N VAL A 54 5.53 13.68 -8.94
CA VAL A 54 5.87 13.98 -7.52
C VAL A 54 7.31 13.58 -7.28
N ARG A 55 8.09 14.46 -6.66
CA ARG A 55 9.44 14.13 -6.17
C ARG A 55 9.40 14.01 -4.65
N VAL A 56 9.60 12.80 -4.14
CA VAL A 56 9.61 12.49 -2.69
C VAL A 56 10.44 11.21 -2.43
N LEU A 57 10.92 10.99 -1.19
CA LEU A 57 11.61 9.75 -0.74
C LEU A 57 12.88 9.53 -1.58
N GLY A 58 13.44 10.59 -2.17
CA GLY A 58 14.67 10.50 -2.97
C GLY A 58 14.42 10.00 -4.39
N HIS A 59 13.15 10.01 -4.85
CA HIS A 59 12.77 9.50 -6.19
C HIS A 59 11.77 10.44 -6.91
N LYS A 60 11.73 10.33 -8.23
CA LYS A 60 10.67 10.83 -9.11
C LYS A 60 9.58 9.75 -9.19
N PHE A 61 8.34 10.19 -9.05
CA PHE A 61 7.16 9.33 -9.29
C PHE A 61 6.37 9.94 -10.44
N ARG A 62 6.24 9.21 -11.55
CA ARG A 62 5.58 9.71 -12.79
C ARG A 62 4.13 10.08 -12.46
N ASN A 63 3.49 9.32 -11.59
CA ASN A 63 2.15 9.69 -11.11
C ASN A 63 2.07 9.24 -9.66
N PRO A 64 1.09 9.74 -8.88
CA PRO A 64 1.08 9.49 -7.44
C PRO A 64 0.22 8.30 -7.02
N VAL A 65 -0.20 7.45 -7.95
CA VAL A 65 -1.15 6.35 -7.65
C VAL A 65 -0.40 5.02 -7.69
N GLY A 66 -0.31 4.37 -6.54
CA GLY A 66 0.39 3.11 -6.41
C GLY A 66 -0.54 1.97 -6.07
N ILE A 67 -0.04 0.76 -6.27
CA ILE A 67 -0.70 -0.47 -5.80
C ILE A 67 -0.24 -0.72 -4.36
N ALA A 68 -1.20 -0.86 -3.46
CA ALA A 68 -0.90 -1.13 -2.04
C ALA A 68 -0.38 -2.56 -1.85
N ALA A 69 0.32 -2.78 -0.76
CA ALA A 69 0.77 -4.11 -0.33
C ALA A 69 -0.45 -5.04 -0.21
N GLY A 70 -0.19 -6.31 -0.46
CA GLY A 70 -1.17 -7.38 -0.29
C GLY A 70 -1.63 -7.93 -1.60
N PHE A 71 -1.64 -7.15 -2.67
CA PHE A 71 -2.05 -7.68 -3.99
C PHE A 71 -0.94 -8.60 -4.50
N ASP A 72 0.27 -8.08 -4.56
CA ASP A 72 1.45 -8.84 -5.03
C ASP A 72 2.36 -9.11 -3.81
N LYS A 73 1.97 -10.07 -2.99
CA LYS A 73 2.70 -10.36 -1.76
C LYS A 73 4.11 -10.87 -2.08
N HIS A 74 4.29 -11.57 -3.20
CA HIS A 74 5.54 -12.33 -3.44
C HIS A 74 6.34 -11.79 -4.62
N GLY A 75 6.02 -10.61 -5.11
CA GLY A 75 6.79 -9.98 -6.20
C GLY A 75 6.69 -10.72 -7.52
N GLU A 76 5.52 -11.24 -7.85
CA GLU A 76 5.27 -12.02 -9.08
C GLU A 76 4.76 -11.17 -10.25
N ALA A 77 4.25 -9.98 -10.01
CA ALA A 77 3.43 -9.25 -11.00
C ALA A 77 3.88 -7.80 -11.14
N VAL A 78 5.11 -7.50 -10.75
CA VAL A 78 5.60 -6.10 -10.69
C VAL A 78 5.44 -5.44 -12.06
N ASP A 79 6.00 -6.06 -13.10
CA ASP A 79 6.00 -5.41 -14.43
C ASP A 79 4.57 -5.22 -14.94
N GLY A 80 3.71 -6.19 -14.71
CA GLY A 80 2.31 -6.06 -15.12
C GLY A 80 1.59 -4.96 -14.36
N LEU A 81 1.97 -4.71 -13.10
CA LEU A 81 1.35 -3.60 -12.34
C LEU A 81 1.79 -2.25 -12.93
N TYR A 82 3.04 -2.12 -13.34
CA TYR A 82 3.42 -0.86 -14.04
C TYR A 82 2.63 -0.74 -15.35
N LYS A 83 2.41 -1.87 -16.05
CA LYS A 83 1.63 -1.83 -17.32
C LYS A 83 0.21 -1.35 -17.06
N MET A 84 -0.35 -1.62 -15.88
CA MET A 84 -1.70 -1.13 -15.51
C MET A 84 -1.73 0.39 -15.37
N GLY A 85 -0.59 1.04 -15.19
CA GLY A 85 -0.49 2.50 -15.09
C GLY A 85 -0.19 2.99 -13.70
N PHE A 86 0.11 2.10 -12.76
CA PHE A 86 0.54 2.54 -11.42
C PHE A 86 1.87 3.31 -11.51
N GLY A 87 1.98 4.42 -10.79
CA GLY A 87 3.22 5.21 -10.74
C GLY A 87 4.28 4.57 -9.86
N PHE A 88 3.87 3.66 -8.98
CA PHE A 88 4.82 2.91 -8.14
C PHE A 88 4.13 1.63 -7.70
N VAL A 89 4.97 0.65 -7.37
CA VAL A 89 4.50 -0.68 -6.97
C VAL A 89 5.08 -0.98 -5.60
N GLU A 90 4.26 -1.51 -4.71
CA GLU A 90 4.70 -2.05 -3.42
C GLU A 90 4.37 -3.53 -3.40
N ILE A 91 5.38 -4.35 -3.13
CA ILE A 91 5.19 -5.79 -2.94
C ILE A 91 5.24 -6.13 -1.45
N GLY A 92 4.76 -7.31 -1.12
CA GLY A 92 4.75 -7.79 0.26
C GLY A 92 3.36 -7.76 0.86
N SER A 93 3.27 -8.02 2.17
CA SER A 93 4.40 -8.21 3.07
C SER A 93 5.16 -9.51 2.81
N VAL A 94 6.47 -9.45 2.97
CA VAL A 94 7.36 -10.61 2.89
C VAL A 94 7.89 -10.93 4.28
N THR A 95 7.82 -12.20 4.67
CA THR A 95 8.35 -12.67 5.96
C THR A 95 9.69 -13.35 5.75
N PRO A 96 10.54 -13.46 6.80
CA PRO A 96 11.87 -14.05 6.59
C PRO A 96 11.83 -15.47 6.03
N LYS A 97 11.12 -16.35 6.72
CA LYS A 97 10.93 -17.73 6.28
C LYS A 97 9.60 -17.81 5.55
N PRO A 98 9.46 -18.76 4.61
CA PRO A 98 8.15 -19.02 4.01
C PRO A 98 7.16 -19.41 5.12
N GLN A 99 5.90 -19.01 4.93
CA GLN A 99 4.83 -19.49 5.83
C GLN A 99 3.49 -19.46 5.09
N GLU A 100 2.61 -20.35 5.51
CA GLU A 100 1.36 -20.63 4.79
C GLU A 100 0.30 -19.56 5.05
N GLY A 101 0.35 -18.89 6.19
CA GLY A 101 -0.76 -18.03 6.62
C GLY A 101 -1.89 -18.80 7.24
N ASN A 102 -3.03 -18.14 7.39
CA ASN A 102 -4.22 -18.74 8.05
C ASN A 102 -4.89 -19.76 7.14
N PRO A 103 -5.71 -20.68 7.71
CA PRO A 103 -6.53 -21.59 6.91
C PRO A 103 -7.62 -20.87 6.10
N ARG A 104 -7.96 -21.42 4.91
N ARG A 104 -7.97 -21.48 4.96
CA ARG A 104 -8.97 -20.92 3.95
CA ARG A 104 -8.99 -21.01 4.01
C ARG A 104 -10.35 -21.45 4.34
C ARG A 104 -10.36 -21.38 4.58
N PRO A 105 -11.43 -20.63 4.26
CA PRO A 105 -11.37 -19.30 3.69
C PRO A 105 -10.85 -18.19 4.63
N ARG A 106 -10.19 -17.22 4.01
CA ARG A 106 -9.52 -16.13 4.76
C ARG A 106 -9.65 -14.78 4.05
N VAL A 107 -10.52 -14.68 3.05
N VAL A 107 -10.52 -14.71 3.04
CA VAL A 107 -10.82 -13.39 2.41
CA VAL A 107 -10.83 -13.48 2.25
C VAL A 107 -12.31 -13.43 2.04
C VAL A 107 -12.34 -13.46 2.05
N PHE A 108 -12.98 -12.33 2.27
CA PHE A 108 -14.45 -12.22 2.25
C PHE A 108 -14.85 -10.95 1.52
N ARG A 109 -15.78 -11.05 0.59
N ARG A 109 -15.76 -11.06 0.56
CA ARG A 109 -16.25 -9.89 -0.20
CA ARG A 109 -16.29 -9.91 -0.20
C ARG A 109 -17.50 -9.31 0.46
C ARG A 109 -17.48 -9.31 0.54
N LEU A 110 -17.55 -7.98 0.58
CA LEU A 110 -18.73 -7.24 1.09
C LEU A 110 -19.15 -6.30 -0.03
N PRO A 111 -19.74 -6.83 -1.13
CA PRO A 111 -20.00 -5.96 -2.27
C PRO A 111 -21.00 -4.83 -1.97
N GLU A 112 -21.94 -5.02 -1.09
CA GLU A 112 -22.90 -3.96 -0.71
C GLU A 112 -22.22 -2.79 -0.02
N ASP A 113 -21.05 -3.03 0.52
CA ASP A 113 -20.25 -2.01 1.21
C ASP A 113 -19.03 -1.56 0.39
N GLN A 114 -18.83 -2.10 -0.80
N GLN A 114 -18.82 -2.12 -0.79
CA GLN A 114 -17.58 -1.91 -1.59
CA GLN A 114 -17.59 -1.86 -1.58
C GLN A 114 -16.38 -2.13 -0.68
C GLN A 114 -16.38 -2.11 -0.68
N ALA A 115 -16.40 -3.24 0.04
CA ALA A 115 -15.39 -3.56 1.05
C ALA A 115 -14.97 -5.02 0.92
N VAL A 116 -13.83 -5.32 1.53
CA VAL A 116 -13.29 -6.67 1.72
C VAL A 116 -12.87 -6.81 3.18
N ILE A 117 -13.01 -8.03 3.72
CA ILE A 117 -12.37 -8.41 4.99
C ILE A 117 -11.35 -9.49 4.65
N ASN A 118 -10.16 -9.37 5.16
CA ASN A 118 -9.13 -10.42 4.96
C ASN A 118 -8.47 -10.76 6.28
N ARG A 119 -8.07 -12.04 6.38
CA ARG A 119 -7.23 -12.56 7.47
C ARG A 119 -6.21 -13.51 6.85
N TYR A 120 -5.48 -13.05 5.84
CA TYR A 120 -4.48 -13.92 5.20
C TYR A 120 -3.45 -14.41 6.22
N GLY A 121 -3.01 -13.56 7.14
CA GLY A 121 -2.00 -13.96 8.12
C GLY A 121 -0.60 -14.06 7.55
N PHE A 122 -0.23 -13.17 6.65
CA PHE A 122 1.15 -13.10 6.10
C PHE A 122 1.54 -14.43 5.48
N ASN A 123 0.74 -14.89 4.55
CA ASN A 123 1.14 -15.97 3.64
C ASN A 123 2.30 -15.41 2.83
N SER A 124 3.44 -16.04 2.84
CA SER A 124 4.62 -15.46 2.19
C SER A 124 5.50 -16.57 1.63
N HIS A 125 6.00 -16.35 0.42
CA HIS A 125 7.07 -17.22 -0.14
C HIS A 125 8.40 -17.07 0.61
N GLY A 126 8.55 -16.02 1.43
CA GLY A 126 9.76 -15.79 2.21
C GLY A 126 10.82 -14.99 1.47
N LEU A 127 11.76 -14.48 2.24
CA LEU A 127 12.74 -13.52 1.70
C LEU A 127 13.58 -14.13 0.57
N SER A 128 14.05 -15.38 0.71
N SER A 128 14.05 -15.38 0.69
CA SER A 128 14.96 -15.99 -0.30
CA SER A 128 14.97 -15.94 -0.32
C SER A 128 14.27 -16.03 -1.66
C SER A 128 14.28 -16.05 -1.68
N VAL A 129 13.05 -16.55 -1.71
CA VAL A 129 12.32 -16.67 -2.99
C VAL A 129 12.11 -15.27 -3.60
N VAL A 130 11.66 -14.33 -2.78
CA VAL A 130 11.38 -12.99 -3.34
C VAL A 130 12.69 -12.33 -3.78
N GLU A 131 13.77 -12.51 -2.99
CA GLU A 131 15.08 -11.96 -3.37
C GLU A 131 15.47 -12.44 -4.77
N HIS A 132 15.34 -13.72 -5.03
CA HIS A 132 15.74 -14.26 -6.34
C HIS A 132 14.82 -13.73 -7.44
N ARG A 133 13.54 -13.59 -7.13
N ARG A 133 13.51 -13.57 -7.19
CA ARG A 133 12.55 -13.06 -8.07
CA ARG A 133 12.61 -13.00 -8.23
C ARG A 133 12.91 -11.62 -8.45
C ARG A 133 12.99 -11.56 -8.53
N LEU A 134 13.27 -10.77 -7.50
CA LEU A 134 13.64 -9.37 -7.78
C LEU A 134 15.00 -9.31 -8.44
N ARG A 135 15.94 -10.17 -8.07
CA ARG A 135 17.27 -10.15 -8.71
C ARG A 135 17.16 -10.42 -10.21
N ALA A 136 16.20 -11.25 -10.62
CA ALA A 136 16.07 -11.61 -12.06
C ALA A 136 15.72 -10.37 -12.91
N ARG A 137 15.20 -9.31 -12.30
CA ARG A 137 14.77 -8.08 -13.00
C ARG A 137 15.38 -6.85 -12.34
N GLN A 138 16.50 -7.00 -11.65
CA GLN A 138 17.09 -5.88 -10.87
C GLN A 138 17.46 -4.71 -11.79
N GLN A 139 18.10 -4.95 -12.93
CA GLN A 139 18.52 -3.82 -13.80
C GLN A 139 17.32 -3.26 -14.54
N LYS A 140 16.32 -4.10 -14.87
N LYS A 140 16.33 -4.10 -14.86
CA LYS A 140 15.05 -3.63 -15.47
CA LYS A 140 15.07 -3.58 -15.45
C LYS A 140 14.32 -2.70 -14.48
C LYS A 140 14.46 -2.61 -14.46
N GLN A 141 14.41 -2.98 -13.18
CA GLN A 141 13.85 -2.08 -12.15
C GLN A 141 14.69 -0.80 -12.03
N ALA A 142 16.02 -0.91 -12.09
CA ALA A 142 16.84 0.32 -12.01
C ALA A 142 16.41 1.31 -13.10
N LYS A 143 16.15 0.84 -14.32
N LYS A 143 16.15 0.82 -14.31
CA LYS A 143 15.72 1.71 -15.45
CA LYS A 143 15.72 1.65 -15.46
C LYS A 143 14.32 2.25 -15.17
C LYS A 143 14.32 2.23 -15.19
N LEU A 144 13.42 1.41 -14.67
CA LEU A 144 12.04 1.86 -14.34
C LEU A 144 12.10 2.96 -13.29
N THR A 145 12.88 2.76 -12.25
CA THR A 145 13.00 3.77 -11.19
C THR A 145 13.56 5.08 -11.75
N GLU A 146 14.57 4.99 -12.61
CA GLU A 146 15.18 6.21 -13.20
C GLU A 146 14.12 6.91 -14.08
N ASP A 147 13.20 6.17 -14.68
CA ASP A 147 12.10 6.66 -15.53
C ASP A 147 10.87 7.10 -14.70
N GLY A 148 10.95 7.11 -13.37
CA GLY A 148 9.88 7.62 -12.50
C GLY A 148 8.92 6.55 -12.01
N LEU A 149 9.34 5.28 -11.98
CA LEU A 149 8.47 4.14 -11.58
C LEU A 149 9.12 3.33 -10.48
N PRO A 150 9.15 3.87 -9.24
CA PRO A 150 9.84 3.20 -8.15
C PRO A 150 9.14 1.95 -7.60
N LEU A 151 9.92 1.16 -6.86
CA LEU A 151 9.52 -0.10 -6.23
C LEU A 151 9.66 -0.03 -4.71
N GLY A 152 8.60 -0.37 -3.99
CA GLY A 152 8.65 -0.50 -2.53
C GLY A 152 8.54 -1.97 -2.16
N VAL A 153 9.16 -2.33 -1.04
CA VAL A 153 9.10 -3.69 -0.48
C VAL A 153 8.63 -3.59 0.96
N ASN A 154 7.56 -4.27 1.26
CA ASN A 154 6.91 -4.27 2.57
C ASN A 154 7.33 -5.52 3.34
N LEU A 155 7.88 -5.31 4.54
CA LEU A 155 8.44 -6.40 5.36
C LEU A 155 7.49 -6.75 6.51
N GLY A 156 7.31 -8.03 6.73
CA GLY A 156 6.59 -8.56 7.89
C GLY A 156 7.44 -9.47 8.73
N LYS A 157 6.80 -10.14 9.67
CA LYS A 157 7.50 -11.03 10.61
C LYS A 157 6.80 -12.39 10.60
N ASN A 158 7.57 -13.42 10.84
CA ASN A 158 7.00 -14.78 10.92
C ASN A 158 6.14 -14.94 12.18
N LYS A 159 5.13 -15.79 12.06
CA LYS A 159 4.18 -16.09 13.15
C LYS A 159 4.93 -16.55 14.39
N THR A 160 5.93 -17.42 14.22
CA THR A 160 6.55 -18.10 15.38
C THR A 160 7.85 -17.41 15.78
N SER A 161 8.18 -16.27 15.18
CA SER A 161 9.46 -15.58 15.49
C SER A 161 9.47 -15.11 16.96
N VAL A 162 10.62 -15.22 17.63
CA VAL A 162 10.77 -14.83 19.05
C VAL A 162 11.42 -13.47 19.22
N ASP A 163 11.82 -12.85 18.12
CA ASP A 163 12.58 -11.58 18.04
C ASP A 163 12.09 -10.81 16.82
N ALA A 164 11.03 -10.02 16.99
CA ALA A 164 10.38 -9.28 15.87
C ALA A 164 11.43 -8.39 15.18
N ALA A 165 12.22 -7.66 15.96
CA ALA A 165 13.20 -6.71 15.38
C ALA A 165 14.18 -7.47 14.50
N GLU A 166 14.60 -8.69 14.88
CA GLU A 166 15.53 -9.45 14.03
C GLU A 166 14.84 -9.85 12.71
N ASP A 167 13.57 -10.19 12.72
CA ASP A 167 12.85 -10.48 11.45
C ASP A 167 12.92 -9.27 10.52
N TYR A 168 12.63 -8.07 11.03
CA TYR A 168 12.65 -6.86 10.18
C TYR A 168 14.08 -6.61 9.72
N ALA A 169 15.06 -6.73 10.62
CA ALA A 169 16.47 -6.55 10.26
C ALA A 169 16.87 -7.49 9.12
N GLU A 170 16.45 -8.74 9.16
N GLU A 170 16.45 -8.74 9.16
CA GLU A 170 16.74 -9.72 8.08
CA GLU A 170 16.76 -9.71 8.09
C GLU A 170 16.13 -9.21 6.76
C GLU A 170 16.14 -9.21 6.77
N GLY A 171 14.91 -8.70 6.81
CA GLY A 171 14.28 -8.14 5.62
C GLY A 171 15.05 -6.99 5.03
N VAL A 172 15.54 -6.09 5.88
CA VAL A 172 16.33 -4.94 5.42
C VAL A 172 17.58 -5.46 4.70
N ARG A 173 18.27 -6.41 5.33
CA ARG A 173 19.53 -6.90 4.74
C ARG A 173 19.29 -7.61 3.40
N VAL A 174 18.21 -8.38 3.29
CA VAL A 174 18.00 -9.23 2.10
C VAL A 174 17.32 -8.44 0.99
N LEU A 175 16.25 -7.71 1.30
CA LEU A 175 15.49 -7.00 0.25
C LEU A 175 15.79 -5.50 0.17
N GLY A 176 16.33 -4.90 1.21
CA GLY A 176 16.73 -3.51 1.14
C GLY A 176 17.52 -3.17 -0.10
N PRO A 177 18.52 -4.01 -0.50
CA PRO A 177 19.31 -3.66 -1.68
C PRO A 177 18.59 -3.72 -3.03
N LEU A 178 17.34 -4.19 -3.02
CA LEU A 178 16.52 -4.34 -4.23
C LEU A 178 15.35 -3.35 -4.25
N ALA A 179 15.25 -2.49 -3.25
CA ALA A 179 14.06 -1.64 -3.04
C ALA A 179 14.39 -0.16 -3.16
N ASP A 180 13.44 0.65 -3.61
CA ASP A 180 13.57 2.12 -3.47
C ASP A 180 13.12 2.56 -2.11
N TYR A 181 12.12 1.90 -1.54
CA TYR A 181 11.74 2.11 -0.14
C TYR A 181 11.34 0.78 0.48
N LEU A 182 11.56 0.71 1.78
CA LEU A 182 11.11 -0.41 2.60
C LEU A 182 10.00 0.07 3.51
N VAL A 183 9.11 -0.84 3.83
CA VAL A 183 8.00 -0.58 4.77
C VAL A 183 8.12 -1.53 5.95
N VAL A 184 8.18 -0.97 7.13
CA VAL A 184 8.10 -1.74 8.37
C VAL A 184 6.64 -1.81 8.66
N ASN A 185 6.08 -2.98 8.34
CA ASN A 185 4.65 -3.17 8.57
C ASN A 185 4.43 -3.59 10.01
N VAL A 186 4.02 -2.65 10.89
CA VAL A 186 3.73 -3.00 12.30
C VAL A 186 2.21 -2.92 12.50
N SER A 187 1.39 -3.07 11.44
CA SER A 187 -0.05 -2.76 11.56
C SER A 187 -0.95 -3.84 10.98
N SER A 188 -0.44 -5.02 10.58
CA SER A 188 -1.37 -6.10 10.21
C SER A 188 -2.27 -6.42 11.39
N PRO A 189 -3.59 -6.53 11.19
CA PRO A 189 -4.45 -7.00 12.27
C PRO A 189 -4.45 -8.52 12.45
N ASN A 190 -3.71 -9.26 11.62
CA ASN A 190 -3.85 -10.73 11.45
C ASN A 190 -2.63 -11.51 11.95
N THR A 191 -1.71 -10.85 12.66
CA THR A 191 -0.56 -11.51 13.35
C THR A 191 -0.63 -11.10 14.82
N ALA A 192 -0.73 -12.06 15.73
CA ALA A 192 -0.92 -11.82 17.18
C ALA A 192 0.27 -11.02 17.70
N GLY A 193 -0.01 -9.92 18.42
CA GLY A 193 1.02 -9.09 19.06
C GLY A 193 1.67 -8.09 18.12
N LEU A 194 1.43 -8.16 16.80
CA LEU A 194 2.20 -7.31 15.86
C LEU A 194 1.91 -5.83 16.11
N ARG A 195 0.66 -5.47 16.32
CA ARG A 195 0.27 -4.03 16.44
C ARG A 195 0.85 -3.42 17.71
N SER A 196 1.20 -4.23 18.72
N SER A 196 1.21 -4.23 18.72
CA SER A 196 1.90 -3.80 19.96
CA SER A 196 1.89 -3.75 19.95
C SER A 196 3.26 -3.17 19.61
C SER A 196 3.26 -3.17 19.61
N LEU A 197 3.83 -3.52 18.45
CA LEU A 197 5.13 -2.94 17.99
C LEU A 197 4.95 -1.46 17.62
N GLN A 198 3.72 -0.95 17.50
CA GLN A 198 3.46 0.49 17.30
C GLN A 198 3.63 1.28 18.60
N GLY A 199 3.70 0.64 19.77
CA GLY A 199 3.88 1.36 21.04
C GLY A 199 5.23 2.04 21.12
N LYS A 200 5.35 3.12 21.89
CA LYS A 200 6.54 4.03 21.85
C LYS A 200 7.88 3.30 22.08
N ALA A 201 8.05 2.59 23.19
CA ALA A 201 9.33 1.94 23.60
C ALA A 201 9.71 0.85 22.60
N GLU A 202 8.72 0.03 22.21
CA GLU A 202 8.88 -1.09 21.24
C GLU A 202 9.22 -0.52 19.87
N LEU A 203 8.52 0.52 19.42
CA LEU A 203 8.78 1.10 18.08
C LEU A 203 10.17 1.74 18.07
N ARG A 204 10.57 2.46 19.12
CA ARG A 204 11.90 3.16 19.09
C ARG A 204 13.01 2.13 18.97
N ARG A 205 12.95 1.05 19.76
N ARG A 205 12.95 1.03 19.74
CA ARG A 205 13.96 -0.03 19.75
CA ARG A 205 14.01 -0.02 19.76
C ARG A 205 13.98 -0.67 18.35
C ARG A 205 13.98 -0.84 18.45
N LEU A 206 12.81 -1.05 17.85
CA LEU A 206 12.65 -1.75 16.55
C LEU A 206 13.22 -0.86 15.45
N LEU A 207 12.80 0.40 15.40
CA LEU A 207 13.16 1.28 14.28
C LEU A 207 14.64 1.67 14.36
N THR A 208 15.20 1.80 15.56
CA THR A 208 16.65 2.06 15.68
C THR A 208 17.40 0.92 14.98
N LYS A 209 17.04 -0.33 15.26
CA LYS A 209 17.71 -1.50 14.67
C LYS A 209 17.51 -1.49 13.15
N VAL A 210 16.30 -1.23 12.68
CA VAL A 210 16.03 -1.22 11.23
C VAL A 210 16.87 -0.15 10.54
N LEU A 211 16.92 1.06 11.11
CA LEU A 211 17.67 2.16 10.49
C LEU A 211 19.17 1.87 10.50
N GLN A 212 19.70 1.26 11.57
N GLN A 212 19.70 1.25 11.58
CA GLN A 212 21.14 0.92 11.61
CA GLN A 212 21.13 0.86 11.66
C GLN A 212 21.43 -0.09 10.47
C GLN A 212 21.43 -0.09 10.49
N GLU A 213 20.56 -1.07 10.29
CA GLU A 213 20.77 -2.08 9.21
C GLU A 213 20.72 -1.39 7.85
N ARG A 214 19.74 -0.49 7.63
CA ARG A 214 19.59 0.21 6.36
C ARG A 214 20.85 1.05 6.11
N ASP A 215 21.33 1.76 7.13
CA ASP A 215 22.48 2.66 6.99
C ASP A 215 23.75 1.86 6.64
N GLY A 216 23.81 0.56 6.96
CA GLY A 216 24.93 -0.31 6.63
C GLY A 216 24.96 -0.77 5.20
N LEU A 217 23.94 -0.50 4.40
CA LEU A 217 23.91 -0.90 3.00
C LEU A 217 24.69 0.11 2.16
N ARG A 218 25.32 -0.38 1.09
CA ARG A 218 26.03 0.49 0.15
C ARG A 218 25.08 1.54 -0.46
N ARG A 219 25.59 2.73 -0.74
CA ARG A 219 24.78 3.91 -1.13
C ARG A 219 23.75 3.60 -2.22
N VAL A 220 24.14 2.97 -3.32
CA VAL A 220 23.19 2.76 -4.44
C VAL A 220 22.14 1.71 -4.07
N HIS A 221 22.31 1.03 -2.94
CA HIS A 221 21.43 -0.05 -2.46
C HIS A 221 20.74 0.34 -1.14
N ARG A 222 20.70 1.63 -0.82
CA ARG A 222 20.22 2.11 0.50
C ARG A 222 18.83 2.74 0.32
N PRO A 223 17.77 2.01 0.70
CA PRO A 223 16.41 2.51 0.50
C PRO A 223 15.95 3.48 1.59
N ALA A 224 14.89 4.24 1.26
CA ALA A 224 14.11 4.95 2.28
C ALA A 224 13.41 3.92 3.17
N VAL A 225 13.13 4.29 4.42
CA VAL A 225 12.41 3.44 5.38
C VAL A 225 11.14 4.17 5.81
N LEU A 226 10.01 3.52 5.62
CA LEU A 226 8.69 3.99 6.06
C LEU A 226 8.11 3.04 7.08
N VAL A 227 7.22 3.59 7.92
CA VAL A 227 6.44 2.78 8.89
C VAL A 227 4.98 2.82 8.45
N LYS A 228 4.37 1.64 8.36
CA LYS A 228 2.94 1.58 8.00
C LYS A 228 2.14 1.37 9.28
N ILE A 229 1.14 2.23 9.46
CA ILE A 229 0.40 2.27 10.72
C ILE A 229 -1.07 1.91 10.49
N ALA A 230 -1.68 1.55 11.60
CA ALA A 230 -3.09 1.19 11.65
C ALA A 230 -3.99 2.41 11.66
N PRO A 231 -5.26 2.23 11.28
CA PRO A 231 -6.28 3.26 11.40
C PRO A 231 -6.96 3.27 12.78
N ASP A 232 -6.56 2.34 13.65
CA ASP A 232 -7.22 2.06 14.96
C ASP A 232 -6.41 2.53 16.16
N LEU A 233 -5.51 3.44 15.94
CA LEU A 233 -4.62 3.94 17.01
C LEU A 233 -5.37 4.92 17.89
N THR A 234 -4.98 4.91 19.16
CA THR A 234 -5.40 5.98 20.09
C THR A 234 -4.69 7.29 19.74
N SER A 235 -5.19 8.39 20.26
CA SER A 235 -4.51 9.70 20.11
C SER A 235 -3.09 9.59 20.71
N GLN A 236 -2.94 8.89 21.83
CA GLN A 236 -1.63 8.73 22.50
C GLN A 236 -0.68 7.96 21.58
N ASP A 237 -1.19 6.90 20.96
CA ASP A 237 -0.36 6.08 20.04
C ASP A 237 0.14 6.96 18.89
N LYS A 238 -0.73 7.77 18.30
CA LYS A 238 -0.34 8.64 17.17
C LYS A 238 0.70 9.69 17.59
N GLU A 239 0.54 10.29 18.76
CA GLU A 239 1.51 11.25 19.24
C GLU A 239 2.87 10.59 19.46
N ASP A 240 2.85 9.38 19.99
CA ASP A 240 4.08 8.62 20.23
C ASP A 240 4.77 8.28 18.91
N ILE A 241 4.01 7.80 17.93
CA ILE A 241 4.60 7.46 16.61
C ILE A 241 5.23 8.70 15.99
N ALA A 242 4.54 9.83 16.04
CA ALA A 242 5.07 11.08 15.46
C ALA A 242 6.39 11.45 16.15
N SER A 243 6.43 11.33 17.48
CA SER A 243 7.63 11.66 18.28
C SER A 243 8.80 10.78 17.84
N VAL A 244 8.57 9.47 17.74
CA VAL A 244 9.63 8.50 17.39
C VAL A 244 10.11 8.77 15.95
N VAL A 245 9.20 8.98 15.02
CA VAL A 245 9.56 9.21 13.61
C VAL A 245 10.47 10.43 13.50
N LYS A 246 10.15 11.50 14.21
CA LYS A 246 10.97 12.73 14.14
C LYS A 246 12.31 12.48 14.84
N GLU A 247 12.31 11.83 16.00
CA GLU A 247 13.56 11.56 16.80
C GLU A 247 14.56 10.74 15.95
N LEU A 248 14.06 9.75 15.21
CA LEU A 248 14.95 8.79 14.52
C LEU A 248 15.20 9.17 13.06
N GLY A 249 14.45 10.10 12.49
CA GLY A 249 14.61 10.47 11.08
C GLY A 249 14.06 9.38 10.15
N ILE A 250 12.97 8.72 10.55
CA ILE A 250 12.22 7.83 9.62
C ILE A 250 11.83 8.65 8.40
N ASP A 251 11.90 8.04 7.23
CA ASP A 251 11.76 8.76 5.96
C ASP A 251 10.29 9.04 5.61
N GLY A 252 9.35 8.24 6.11
CA GLY A 252 7.95 8.49 5.77
C GLY A 252 7.02 7.53 6.52
N LEU A 253 5.72 7.74 6.28
CA LEU A 253 4.67 6.91 6.90
C LEU A 253 3.75 6.43 5.78
N ILE A 254 3.21 5.23 5.96
CA ILE A 254 2.11 4.73 5.13
C ILE A 254 0.88 4.65 6.04
N VAL A 255 -0.18 5.33 5.61
CA VAL A 255 -1.34 5.65 6.47
C VAL A 255 -2.56 5.39 5.61
N THR A 256 -3.25 4.24 5.72
CA THR A 256 -3.27 3.27 6.78
C THR A 256 -3.40 1.84 6.24
N ASN A 257 -3.15 0.90 7.15
CA ASN A 257 -3.54 -0.51 6.98
C ASN A 257 -5.07 -0.64 7.13
N THR A 258 -5.54 -1.88 7.08
CA THR A 258 -6.95 -2.19 7.28
C THR A 258 -7.38 -1.98 8.73
N THR A 259 -8.69 -1.86 8.93
CA THR A 259 -9.26 -1.62 10.27
C THR A 259 -9.87 -2.90 10.88
N VAL A 260 -9.67 -3.04 12.19
CA VAL A 260 -10.36 -4.08 12.99
C VAL A 260 -11.69 -3.54 13.50
N SER A 261 -12.00 -2.29 13.26
CA SER A 261 -13.32 -1.75 13.58
C SER A 261 -14.34 -2.25 12.55
N ARG A 262 -15.61 -2.14 12.93
CA ARG A 262 -16.72 -2.46 12.02
C ARG A 262 -17.65 -1.27 12.10
N PRO A 263 -17.43 -0.24 11.24
CA PRO A 263 -18.22 0.99 11.30
C PRO A 263 -19.70 0.62 11.28
N ALA A 264 -20.48 1.39 11.99
CA ALA A 264 -21.95 1.25 11.91
C ALA A 264 -22.34 1.39 10.43
N GLY A 265 -23.31 0.59 10.02
CA GLY A 265 -23.88 0.69 8.68
C GLY A 265 -23.43 -0.38 7.70
N LEU A 266 -22.39 -1.15 8.02
CA LEU A 266 -22.02 -2.27 7.12
C LEU A 266 -23.22 -3.16 6.88
N GLN A 267 -23.44 -3.52 5.61
CA GLN A 267 -24.57 -4.36 5.16
C GLN A 267 -24.16 -5.78 4.80
N GLY A 268 -22.93 -6.01 4.38
CA GLY A 268 -22.55 -7.33 3.89
C GLY A 268 -22.87 -8.39 4.92
N ALA A 269 -23.29 -9.55 4.41
CA ALA A 269 -23.58 -10.71 5.28
C ALA A 269 -22.34 -11.10 6.10
N LEU A 270 -21.14 -10.84 5.54
CA LEU A 270 -19.87 -11.31 6.13
C LEU A 270 -19.21 -10.24 7.01
N ARG A 271 -19.95 -9.19 7.40
CA ARG A 271 -19.38 -8.08 8.18
C ARG A 271 -18.73 -8.50 9.49
N SER A 272 -19.17 -9.62 10.10
CA SER A 272 -18.69 -10.04 11.42
C SER A 272 -17.59 -11.12 11.31
N GLU A 273 -17.07 -11.35 10.12
CA GLU A 273 -15.84 -12.16 9.95
C GLU A 273 -14.66 -11.44 10.64
N THR A 274 -13.78 -12.21 11.28
CA THR A 274 -12.49 -11.72 11.80
C THR A 274 -11.60 -11.28 10.63
N GLY A 275 -10.95 -10.12 10.81
CA GLY A 275 -9.89 -9.70 9.91
C GLY A 275 -9.89 -8.20 9.73
N GLY A 276 -9.07 -7.74 8.79
CA GLY A 276 -9.00 -6.32 8.50
C GLY A 276 -9.98 -5.95 7.41
N LEU A 277 -10.71 -4.86 7.64
N LEU A 277 -10.72 -4.88 7.65
CA LEU A 277 -11.69 -4.29 6.69
CA LEU A 277 -11.66 -4.33 6.66
C LEU A 277 -10.98 -3.22 5.83
C LEU A 277 -10.96 -3.24 5.83
N SER A 278 -11.19 -3.31 4.52
CA SER A 278 -10.67 -2.38 3.53
C SER A 278 -11.77 -1.84 2.64
N GLY A 279 -11.44 -0.89 1.79
CA GLY A 279 -12.41 -0.32 0.84
C GLY A 279 -13.17 0.86 1.44
N LYS A 280 -14.37 1.13 0.90
CA LYS A 280 -15.07 2.39 1.15
C LYS A 280 -15.28 2.65 2.64
N PRO A 281 -15.62 1.66 3.50
CA PRO A 281 -15.88 1.98 4.91
C PRO A 281 -14.65 2.48 5.67
N LEU A 282 -13.46 2.21 5.13
CA LEU A 282 -12.17 2.64 5.71
C LEU A 282 -11.79 4.04 5.25
N ARG A 283 -12.36 4.53 4.16
CA ARG A 283 -11.82 5.70 3.46
C ARG A 283 -11.62 6.89 4.40
N ASP A 284 -12.70 7.34 5.05
CA ASP A 284 -12.59 8.60 5.81
C ASP A 284 -11.80 8.40 7.11
N LEU A 285 -11.84 7.22 7.70
N LEU A 285 -11.84 7.22 7.72
CA LEU A 285 -10.98 6.91 8.86
CA LEU A 285 -10.96 6.89 8.87
C LEU A 285 -9.51 7.03 8.46
C LEU A 285 -9.51 7.07 8.44
N SER A 286 -9.14 6.56 7.27
N SER A 286 -9.16 6.53 7.28
N SER A 286 -9.18 6.64 7.32
CA SER A 286 -7.76 6.68 6.75
CA SER A 286 -7.78 6.67 6.75
CA SER A 286 -7.77 6.72 6.88
C SER A 286 -7.41 8.15 6.48
C SER A 286 -7.44 8.15 6.51
C SER A 286 -7.40 8.14 6.46
N THR A 287 -8.31 8.87 5.81
CA THR A 287 -8.05 10.30 5.48
C THR A 287 -7.80 11.08 6.77
N GLN A 288 -8.60 10.85 7.81
N GLN A 288 -8.63 10.85 7.78
CA GLN A 288 -8.44 11.62 9.07
CA GLN A 288 -8.48 11.57 9.07
C GLN A 288 -7.17 11.18 9.82
C GLN A 288 -7.14 11.21 9.71
N THR A 289 -6.71 9.95 9.62
CA THR A 289 -5.43 9.53 10.20
C THR A 289 -4.28 10.24 9.47
N ILE A 290 -4.35 10.36 8.16
CA ILE A 290 -3.37 11.14 7.37
C ILE A 290 -3.32 12.57 7.91
N ARG A 291 -4.50 13.16 8.06
CA ARG A 291 -4.60 14.57 8.48
C ARG A 291 -3.88 14.74 9.81
N GLU A 292 -4.14 13.85 10.77
N GLU A 292 -4.18 13.86 10.76
CA GLU A 292 -3.55 13.98 12.12
CA GLU A 292 -3.58 13.91 12.12
C GLU A 292 -2.05 13.68 12.10
C GLU A 292 -2.06 13.77 11.98
N MET A 293 -1.58 12.73 11.28
CA MET A 293 -0.16 12.43 11.25
C MET A 293 0.60 13.57 10.54
N TYR A 294 0.03 14.20 9.54
CA TYR A 294 0.67 15.34 8.84
C TYR A 294 0.86 16.45 9.86
N ALA A 295 -0.19 16.78 10.60
CA ALA A 295 -0.11 17.87 11.60
C ALA A 295 0.94 17.51 12.66
N LEU A 296 0.92 16.32 13.20
CA LEU A 296 1.84 15.94 14.29
C LEU A 296 3.30 15.96 13.82
N THR A 297 3.55 15.80 12.54
CA THR A 297 4.90 15.78 11.96
C THR A 297 5.23 17.11 11.27
N GLN A 298 4.38 18.12 11.41
CA GLN A 298 4.59 19.48 10.88
C GLN A 298 4.75 19.47 9.37
N GLY A 299 4.18 18.49 8.69
CA GLY A 299 4.24 18.45 7.24
C GLY A 299 5.64 18.09 6.74
N ARG A 300 6.54 17.66 7.61
CA ARG A 300 7.97 17.42 7.28
C ARG A 300 8.24 15.95 6.95
N VAL A 301 7.24 15.06 7.08
CA VAL A 301 7.41 13.61 6.94
C VAL A 301 6.49 13.14 5.81
N PRO A 302 7.01 12.72 4.67
CA PRO A 302 6.16 12.25 3.58
C PRO A 302 5.21 11.15 4.05
N ILE A 303 3.98 11.24 3.56
CA ILE A 303 2.94 10.24 3.84
C ILE A 303 2.45 9.64 2.52
N ILE A 304 2.36 8.32 2.53
CA ILE A 304 1.63 7.59 1.46
C ILE A 304 0.25 7.28 2.04
N GLY A 305 -0.78 7.82 1.40
CA GLY A 305 -2.15 7.67 1.91
C GLY A 305 -2.84 6.52 1.24
N VAL A 306 -3.51 5.70 2.04
CA VAL A 306 -4.14 4.47 1.52
C VAL A 306 -5.34 4.12 2.39
N GLY A 307 -6.41 3.68 1.73
CA GLY A 307 -7.62 3.22 2.41
C GLY A 307 -8.84 3.76 1.72
N GLY A 308 -9.52 2.92 0.95
CA GLY A 308 -10.75 3.33 0.30
C GLY A 308 -10.64 4.32 -0.84
N VAL A 309 -9.53 4.38 -1.55
CA VAL A 309 -9.43 5.20 -2.75
C VAL A 309 -10.04 4.47 -3.95
N SER A 310 -11.07 5.05 -4.56
CA SER A 310 -11.62 4.51 -5.82
C SER A 310 -11.90 5.58 -6.87
N SER A 311 -11.56 6.83 -6.61
CA SER A 311 -11.83 7.95 -7.49
C SER A 311 -10.77 9.04 -7.33
N GLY A 312 -10.74 9.94 -8.30
CA GLY A 312 -9.87 11.11 -8.19
C GLY A 312 -10.21 11.94 -6.97
N GLN A 313 -11.50 12.09 -6.66
CA GLN A 313 -11.86 12.85 -5.45
C GLN A 313 -11.27 12.19 -4.21
N ASP A 314 -11.36 10.87 -4.12
CA ASP A 314 -10.81 10.16 -2.96
C ASP A 314 -9.29 10.41 -2.88
N ALA A 315 -8.61 10.37 -4.01
CA ALA A 315 -7.15 10.59 -4.02
C ALA A 315 -6.84 12.03 -3.60
N LEU A 316 -7.57 12.98 -4.15
CA LEU A 316 -7.27 14.40 -3.85
C LEU A 316 -7.59 14.71 -2.38
N GLU A 317 -8.63 14.10 -1.80
CA GLU A 317 -8.91 14.35 -0.37
C GLU A 317 -7.71 13.88 0.47
N LYS A 318 -7.09 12.75 0.13
CA LYS A 318 -5.91 12.29 0.91
C LYS A 318 -4.71 13.20 0.67
N ILE A 319 -4.51 13.65 -0.56
CA ILE A 319 -3.40 14.58 -0.90
C ILE A 319 -3.58 15.88 -0.13
N ARG A 320 -4.77 16.46 -0.17
CA ARG A 320 -5.02 17.74 0.55
C ARG A 320 -4.89 17.55 2.06
N ALA A 321 -5.18 16.36 2.58
CA ALA A 321 -5.01 16.05 4.01
C ALA A 321 -3.53 15.89 4.40
N GLY A 322 -2.63 15.70 3.43
CA GLY A 322 -1.21 15.55 3.74
C GLY A 322 -0.48 14.47 3.00
N ALA A 323 -1.15 13.64 2.19
CA ALA A 323 -0.44 12.57 1.45
C ALA A 323 0.32 13.14 0.26
N SER A 324 1.58 12.69 0.09
CA SER A 324 2.37 12.98 -1.11
C SER A 324 2.06 12.01 -2.25
N LEU A 325 1.65 10.79 -1.88
CA LEU A 325 1.34 9.71 -2.81
C LEU A 325 0.12 8.98 -2.24
N VAL A 326 -0.57 8.24 -3.09
CA VAL A 326 -1.69 7.40 -2.62
C VAL A 326 -1.53 5.99 -3.15
N GLN A 327 -2.15 5.05 -2.47
CA GLN A 327 -2.23 3.67 -2.97
C GLN A 327 -3.69 3.23 -2.94
N LEU A 328 -3.95 2.18 -3.71
CA LEU A 328 -5.25 1.49 -3.64
C LEU A 328 -5.03 0.00 -3.83
N TYR A 329 -5.96 -0.76 -3.30
CA TYR A 329 -6.07 -2.20 -3.62
C TYR A 329 -7.54 -2.56 -3.79
N THR A 330 -8.35 -2.39 -2.76
CA THR A 330 -9.72 -2.95 -2.78
C THR A 330 -10.52 -2.46 -3.99
N ALA A 331 -10.38 -1.22 -4.43
CA ALA A 331 -11.12 -0.72 -5.60
C ALA A 331 -10.85 -1.60 -6.82
N LEU A 332 -9.62 -2.08 -6.98
N LEU A 332 -9.62 -2.10 -7.01
CA LEU A 332 -9.24 -2.94 -8.12
CA LEU A 332 -9.31 -2.99 -8.16
C LEU A 332 -10.09 -4.22 -8.14
C LEU A 332 -10.23 -4.20 -8.18
N THR A 333 -10.59 -4.69 -6.99
CA THR A 333 -11.38 -5.94 -6.89
C THR A 333 -12.79 -5.73 -7.45
N PHE A 334 -13.26 -4.49 -7.52
CA PHE A 334 -14.62 -4.16 -7.99
C PHE A 334 -14.59 -3.58 -9.39
N TRP A 335 -13.60 -2.77 -9.72
CA TRP A 335 -13.51 -1.99 -10.97
C TRP A 335 -12.55 -2.64 -11.98
N GLY A 336 -11.60 -3.44 -11.50
CA GLY A 336 -10.56 -3.98 -12.37
C GLY A 336 -9.55 -2.95 -12.80
N PRO A 337 -8.61 -3.36 -13.66
CA PRO A 337 -7.49 -2.52 -14.09
C PRO A 337 -7.83 -1.12 -14.59
N PRO A 338 -9.00 -0.87 -15.25
CA PRO A 338 -9.29 0.49 -15.71
C PRO A 338 -9.45 1.51 -14.58
N VAL A 339 -9.59 1.07 -13.33
CA VAL A 339 -9.69 2.02 -12.20
C VAL A 339 -8.44 2.92 -12.12
N VAL A 340 -7.28 2.44 -12.56
CA VAL A 340 -6.04 3.21 -12.37
C VAL A 340 -6.12 4.48 -13.24
N GLY A 341 -6.43 4.31 -14.53
CA GLY A 341 -6.56 5.46 -15.40
C GLY A 341 -7.73 6.36 -14.99
N LYS A 342 -8.79 5.75 -14.47
CA LYS A 342 -9.96 6.53 -13.97
C LYS A 342 -9.49 7.49 -12.86
N VAL A 343 -8.82 6.94 -11.87
CA VAL A 343 -8.36 7.77 -10.71
C VAL A 343 -7.43 8.87 -11.24
N LYS A 344 -6.48 8.53 -12.10
CA LYS A 344 -5.52 9.54 -12.60
C LYS A 344 -6.25 10.64 -13.38
N ARG A 345 -7.16 10.25 -14.27
CA ARG A 345 -7.88 11.23 -15.12
C ARG A 345 -8.71 12.16 -14.21
N GLU A 346 -9.42 11.60 -13.26
CA GLU A 346 -10.27 12.39 -12.35
C GLU A 346 -9.40 13.31 -11.48
N LEU A 347 -8.27 12.80 -10.99
CA LEU A 347 -7.37 13.61 -10.13
C LEU A 347 -6.85 14.81 -10.93
N GLU A 348 -6.36 14.57 -12.16
CA GLU A 348 -5.86 15.67 -13.02
C GLU A 348 -6.97 16.71 -13.19
N ALA A 349 -8.19 16.28 -13.49
CA ALA A 349 -9.31 17.22 -13.75
C ALA A 349 -9.56 18.06 -12.48
N LEU A 350 -9.59 17.41 -11.31
CA LEU A 350 -9.88 18.12 -10.05
C LEU A 350 -8.75 19.10 -9.71
N LEU A 351 -7.50 18.71 -9.92
CA LEU A 351 -6.39 19.64 -9.64
C LEU A 351 -6.59 20.93 -10.46
N LYS A 352 -6.93 20.78 -11.74
N LYS A 352 -6.93 20.79 -11.74
CA LYS A 352 -7.14 21.95 -12.65
CA LYS A 352 -7.14 21.95 -12.65
C LYS A 352 -8.33 22.78 -12.15
C LYS A 352 -8.32 22.77 -12.13
N GLU A 353 -9.43 22.11 -11.77
CA GLU A 353 -10.67 22.77 -11.28
C GLU A 353 -10.40 23.56 -9.99
N GLN A 354 -9.49 23.10 -9.16
CA GLN A 354 -9.22 23.70 -7.82
C GLN A 354 -8.02 24.64 -7.87
N GLY A 355 -7.45 24.88 -9.04
CA GLY A 355 -6.40 25.90 -9.27
C GLY A 355 -5.02 25.43 -8.83
N PHE A 356 -4.78 24.13 -8.77
CA PHE A 356 -3.45 23.61 -8.39
C PHE A 356 -2.62 23.44 -9.65
N GLY A 357 -1.35 23.85 -9.63
CA GLY A 357 -0.45 23.67 -10.79
C GLY A 357 -0.13 22.21 -10.99
N GLY A 358 -0.15 21.44 -9.92
CA GLY A 358 0.13 19.99 -9.96
C GLY A 358 -0.11 19.37 -8.61
N VAL A 359 0.16 18.07 -8.52
CA VAL A 359 -0.04 17.30 -7.26
C VAL A 359 0.74 17.99 -6.15
N THR A 360 1.99 18.35 -6.42
CA THR A 360 2.87 18.89 -5.36
C THR A 360 2.19 20.06 -4.64
N ASP A 361 1.55 20.95 -5.39
CA ASP A 361 0.92 22.19 -4.87
C ASP A 361 -0.24 21.83 -3.93
N ALA A 362 -0.86 20.67 -4.13
CA ALA A 362 -2.06 20.27 -3.35
C ALA A 362 -1.68 19.55 -2.05
N ILE A 363 -0.45 19.04 -1.93
CA ILE A 363 -0.08 18.25 -0.74
C ILE A 363 -0.26 19.10 0.52
N GLY A 364 -1.11 18.65 1.42
CA GLY A 364 -1.35 19.33 2.70
C GLY A 364 -2.16 20.62 2.57
N ALA A 365 -2.76 20.89 1.43
CA ALA A 365 -3.44 22.19 1.19
C ALA A 365 -4.54 22.46 2.22
N ASP A 366 -5.21 21.44 2.75
CA ASP A 366 -6.28 21.68 3.74
C ASP A 366 -5.74 22.36 5.00
N HIS A 367 -4.50 22.07 5.36
CA HIS A 367 -3.90 22.58 6.61
C HIS A 367 -3.61 24.09 6.48
N ARG A 368 -3.60 24.61 5.25
CA ARG A 368 -3.26 26.03 4.97
C ARG A 368 -4.53 26.86 4.76
N ARG A 369 -5.74 26.28 4.92
CA ARG A 369 -7.04 26.98 4.78
C ARG A 369 -7.32 27.81 6.04
#